data_2YNK
#
_entry.id   2YNK
#
_cell.length_a   136.660
_cell.length_b   152.080
_cell.length_c   95.040
_cell.angle_alpha   90.00
_cell.angle_beta   90.00
_cell.angle_gamma   90.00
#
_symmetry.space_group_name_H-M   'C 2 2 2'
#
loop_
_entity.id
_entity.type
_entity.pdbx_description
1 polymer WZI
2 non-polymer N-OCTANE
3 non-polymer DODECANE
4 non-polymer HEXANE
5 water water
#
_entity_poly.entity_id   1
_entity_poly.type   'polypeptide(L)'
_entity_poly.pdbx_seq_one_letter_code
;AGLVVNDNDLRNDLAWLSDRGVIHLSLSTWPLSQEEIARALKKAKPSYSSEQVVLARINQRLSALKADFRVTGYTSTDQP
GTPQGFGQTQPADNSLGLAFNNSGEWWDVHLQGNVEGGERISNGSRFNANGAYGAVKFWNQWLSFGQVPQWWGPGYEGSL
IRGDA(MSE)RP(MSE)TGFL(MSE)QRAEQAAPETWWLRWVGPWQYQISASQ(MSE)NQYNAVPHAKIIGGRFTFSPIQ
SLELGASRI(MSE)QWGGKGRPESLSNFWDGLTGKDNTAANDPNEPGNQLAGFDFKFKLEPTLGWPVSFYGQ(MSE)IGE
DESGFLPSAN(MSE)FLGGIEGHHGWGKDAVNWYLEAHDTRTN(MSE)SRTNYSYTHHIYKDGYYQQGYPLGDA(MSE)G
GDGQLVAGKVELITEDNQRWSTRLVYAKVNPENQSINKAFPHADTLKGIQLGWSGDVYQSVRLNTSLWYTNANNSDSDDV
GASAGIEIPFSL
;
_entity_poly.pdbx_strand_id   A
#
# COMPACT_ATOMS: atom_id res chain seq x y z
N ALA A 1 12.08 15.84 0.80
CA ALA A 1 12.15 15.33 2.21
C ALA A 1 10.77 14.90 2.75
N GLY A 2 10.78 14.14 3.83
CA GLY A 2 9.59 13.80 4.55
C GLY A 2 8.99 12.47 4.17
N LEU A 3 7.66 12.40 4.21
CA LEU A 3 6.95 11.17 3.91
C LEU A 3 6.93 10.90 2.41
N VAL A 4 6.87 9.62 2.06
CA VAL A 4 6.77 9.16 0.68
C VAL A 4 5.65 8.11 0.66
N VAL A 5 4.45 8.55 0.27
CA VAL A 5 3.27 7.69 0.27
C VAL A 5 3.30 6.68 -0.86
N ASN A 6 2.39 5.71 -0.82
CA ASN A 6 2.35 4.63 -1.80
C ASN A 6 2.55 5.10 -3.24
N ASP A 7 3.73 4.83 -3.79
CA ASP A 7 3.98 4.96 -5.22
C ASP A 7 4.38 3.59 -5.72
N ASN A 8 3.86 3.18 -6.87
CA ASN A 8 4.05 1.80 -7.30
C ASN A 8 5.37 1.62 -8.04
N ASP A 9 5.70 2.60 -8.89
CA ASP A 9 6.97 2.60 -9.61
C ASP A 9 8.16 2.65 -8.65
N LEU A 10 8.08 3.52 -7.64
CA LEU A 10 9.15 3.63 -6.64
C LEU A 10 9.36 2.32 -5.89
N ARG A 11 8.25 1.77 -5.40
CA ARG A 11 8.28 0.56 -4.57
C ARG A 11 8.92 -0.59 -5.32
N ASN A 12 8.55 -0.79 -6.58
CA ASN A 12 9.08 -1.91 -7.35
C ASN A 12 10.60 -1.75 -7.60
N ASP A 13 11.01 -0.51 -7.88
CA ASP A 13 12.42 -0.18 -8.05
C ASP A 13 13.22 -0.39 -6.75
N LEU A 14 12.68 0.07 -5.62
CA LEU A 14 13.33 -0.16 -4.33
C LEU A 14 13.38 -1.66 -4.01
N ALA A 15 12.28 -2.35 -4.26
CA ALA A 15 12.18 -3.78 -3.95
C ALA A 15 13.16 -4.60 -4.78
N TRP A 16 13.38 -4.16 -6.03
CA TRP A 16 14.32 -4.79 -6.92
C TRP A 16 15.71 -4.66 -6.32
N LEU A 17 16.08 -3.44 -5.96
CA LEU A 17 17.39 -3.17 -5.39
C LEU A 17 17.62 -3.90 -4.06
N SER A 18 16.57 -3.98 -3.25
CA SER A 18 16.68 -4.56 -1.91
C SER A 18 16.86 -6.07 -1.96
N ASP A 19 16.08 -6.73 -2.80
CA ASP A 19 16.09 -8.19 -2.87
C ASP A 19 17.33 -8.71 -3.58
N ARG A 20 17.98 -7.86 -4.36
CA ARG A 20 19.25 -8.19 -4.99
C ARG A 20 20.43 -7.82 -4.10
N GLY A 21 20.16 -7.31 -2.90
CA GLY A 21 21.23 -6.96 -1.97
C GLY A 21 22.00 -5.68 -2.26
N VAL A 22 21.60 -4.93 -3.28
CA VAL A 22 22.25 -3.67 -3.61
C VAL A 22 21.99 -2.57 -2.57
N ILE A 23 20.83 -2.65 -1.91
CA ILE A 23 20.52 -1.81 -0.73
C ILE A 23 19.80 -2.63 0.34
N HIS A 24 19.70 -2.08 1.54
CA HIS A 24 18.95 -2.70 2.64
C HIS A 24 17.93 -1.72 3.11
N LEU A 25 16.65 -2.08 2.98
CA LEU A 25 15.58 -1.12 3.19
C LEU A 25 14.23 -1.79 3.31
N SER A 26 13.55 -1.57 4.42
CA SER A 26 12.20 -2.12 4.58
C SER A 26 11.20 -1.41 3.66
N LEU A 27 10.38 -2.20 2.98
CA LEU A 27 9.33 -1.67 2.14
C LEU A 27 7.97 -2.20 2.58
N SER A 28 7.83 -2.58 3.87
CA SER A 28 6.58 -3.17 4.34
C SER A 28 5.78 -2.24 5.26
N THR A 29 6.25 -1.01 5.44
CA THR A 29 5.52 0.00 6.19
C THR A 29 5.57 1.32 5.46
N TRP A 30 4.48 1.62 4.73
CA TRP A 30 4.30 2.90 4.07
C TRP A 30 3.38 3.77 4.87
N PRO A 31 3.56 5.10 4.81
CA PRO A 31 4.52 5.80 3.96
C PRO A 31 5.96 5.63 4.47
N LEU A 32 6.92 5.76 3.56
CA LEU A 32 8.35 5.66 3.91
C LEU A 32 8.93 7.04 4.19
N SER A 33 9.78 7.14 5.20
CA SER A 33 10.61 8.34 5.41
C SER A 33 11.67 8.44 4.31
N GLN A 34 11.75 9.60 3.66
CA GLN A 34 12.70 9.80 2.57
C GLN A 34 14.14 9.67 3.11
N GLU A 35 14.35 10.22 4.31
CA GLU A 35 15.64 10.21 4.99
C GLU A 35 16.18 8.78 5.13
N GLU A 36 15.26 7.81 5.22
CA GLU A 36 15.61 6.40 5.28
C GLU A 36 15.96 5.85 3.89
N ILE A 37 15.30 6.34 2.85
CA ILE A 37 15.67 5.98 1.49
C ILE A 37 17.09 6.52 1.20
N ALA A 38 17.36 7.76 1.61
CA ALA A 38 18.64 8.44 1.37
C ALA A 38 19.81 7.69 1.98
N ARG A 39 19.61 7.21 3.20
CA ARG A 39 20.62 6.50 3.96
C ARG A 39 20.98 5.20 3.25
N ALA A 40 19.99 4.38 2.94
CA ALA A 40 20.24 3.14 2.21
C ALA A 40 20.96 3.38 0.87
N LEU A 41 20.61 4.48 0.20
CA LEU A 41 21.25 4.81 -1.09
C LEU A 41 22.74 5.15 -0.94
N LYS A 42 23.13 5.69 0.20
CA LYS A 42 24.51 6.11 0.42
C LYS A 42 25.44 4.92 0.68
N LYS A 43 24.89 3.77 1.04
CA LYS A 43 25.67 2.55 1.25
C LYS A 43 25.27 1.49 0.22
N ALA A 44 24.98 1.95 -0.99
CA ALA A 44 24.53 1.09 -2.08
C ALA A 44 25.72 0.44 -2.76
N LYS A 45 25.65 -0.88 -2.93
CA LYS A 45 26.70 -1.65 -3.57
C LYS A 45 26.16 -2.28 -4.86
N PRO A 46 26.18 -1.51 -5.96
CA PRO A 46 25.89 -2.09 -7.27
C PRO A 46 27.11 -2.77 -7.86
N SER A 47 26.88 -3.76 -8.73
CA SER A 47 27.95 -4.42 -9.47
C SER A 47 27.60 -4.70 -10.94
N TYR A 48 26.35 -4.44 -11.33
CA TYR A 48 25.95 -4.55 -12.72
C TYR A 48 25.42 -3.21 -13.22
N SER A 49 25.35 -3.06 -14.54
CA SER A 49 24.91 -1.79 -15.14
C SER A 49 23.40 -1.65 -14.98
N SER A 50 22.69 -2.76 -15.09
CA SER A 50 21.27 -2.78 -14.79
C SER A 50 21.03 -2.17 -13.41
N GLU A 51 21.92 -2.46 -12.46
CA GLU A 51 21.76 -1.96 -11.10
C GLU A 51 22.00 -0.46 -10.95
N GLN A 52 22.83 0.11 -11.82
CA GLN A 52 23.09 1.55 -11.78
C GLN A 52 21.91 2.28 -12.38
N VAL A 53 21.33 1.70 -13.42
CA VAL A 53 20.11 2.23 -14.04
C VAL A 53 18.97 2.35 -13.04
N VAL A 54 18.68 1.28 -12.31
CA VAL A 54 17.64 1.33 -11.30
C VAL A 54 17.99 2.36 -10.23
N LEU A 55 19.19 2.28 -9.67
CA LEU A 55 19.65 3.26 -8.66
C LEU A 55 19.38 4.72 -9.04
N ALA A 56 19.74 5.09 -10.26
CA ALA A 56 19.62 6.49 -10.68
C ALA A 56 18.16 6.93 -10.70
N ARG A 57 17.27 5.95 -10.90
CA ARG A 57 15.84 6.18 -10.99
C ARG A 57 15.23 6.59 -9.64
N ILE A 58 15.76 6.07 -8.54
CA ILE A 58 15.21 6.38 -7.21
C ILE A 58 15.07 7.87 -6.93
N ASN A 59 16.15 8.64 -7.03
CA ASN A 59 16.07 10.08 -6.79
C ASN A 59 15.29 10.83 -7.87
N GLN A 60 15.38 10.34 -9.11
CA GLN A 60 14.61 10.92 -10.19
C GLN A 60 13.12 10.85 -9.85
N ARG A 61 12.68 9.71 -9.32
CA ARG A 61 11.28 9.52 -8.99
C ARG A 61 10.86 10.43 -7.84
N LEU A 62 11.64 10.44 -6.76
CA LEU A 62 11.34 11.30 -5.60
C LEU A 62 11.30 12.78 -6.00
N SER A 63 12.07 13.17 -7.02
CA SER A 63 11.98 14.52 -7.58
C SER A 63 10.66 14.71 -8.29
N ALA A 64 10.23 13.70 -9.04
CA ALA A 64 8.94 13.73 -9.71
C ALA A 64 7.80 13.84 -8.69
N LEU A 65 7.78 12.90 -7.76
CA LEU A 65 6.76 12.84 -6.73
C LEU A 65 6.63 14.13 -5.94
N LYS A 66 7.78 14.70 -5.54
CA LYS A 66 7.78 15.86 -4.67
C LYS A 66 8.07 17.19 -5.38
N ALA A 67 7.90 17.21 -6.70
CA ALA A 67 8.02 18.44 -7.49
C ALA A 67 7.18 19.58 -6.92
N ASP A 68 7.68 20.81 -7.06
CA ASP A 68 7.01 21.99 -6.50
C ASP A 68 5.52 22.00 -6.76
N PHE A 69 5.15 21.71 -8.00
CA PHE A 69 3.76 21.67 -8.41
C PHE A 69 3.56 20.46 -9.30
N ARG A 70 2.48 19.71 -9.07
CA ARG A 70 2.27 18.47 -9.78
C ARG A 70 0.81 18.26 -10.17
N VAL A 71 0.58 18.08 -11.46
CA VAL A 71 -0.76 17.80 -11.97
C VAL A 71 -0.86 16.33 -12.32
N THR A 72 -1.90 15.68 -11.82
CA THR A 72 -2.14 14.27 -12.12
C THR A 72 -3.56 14.07 -12.64
N GLY A 73 -3.73 13.04 -13.46
CA GLY A 73 -4.98 12.76 -14.13
C GLY A 73 -5.18 11.27 -14.30
N TYR A 74 -6.44 10.85 -14.24
CA TYR A 74 -6.82 9.48 -14.49
C TYR A 74 -8.15 9.49 -15.23
N THR A 75 -8.28 8.63 -16.23
CA THR A 75 -9.55 8.45 -16.94
C THR A 75 -9.71 6.99 -17.34
N SER A 76 -10.95 6.52 -17.41
CA SER A 76 -11.19 5.11 -17.72
C SER A 76 -12.58 4.84 -18.31
N THR A 77 -12.71 3.65 -18.89
CA THR A 77 -13.97 3.22 -19.44
C THR A 77 -14.87 2.73 -18.33
N ASP A 78 -14.28 2.13 -17.30
CA ASP A 78 -15.03 1.54 -16.19
C ASP A 78 -14.08 1.12 -15.10
N GLN A 79 -14.64 0.68 -13.98
CA GLN A 79 -13.90 0.08 -12.88
C GLN A 79 -13.34 -1.27 -13.31
N PRO A 80 -12.07 -1.56 -12.99
CA PRO A 80 -11.58 -2.92 -13.21
C PRO A 80 -12.44 -3.96 -12.50
N GLY A 81 -12.49 -5.16 -13.05
CA GLY A 81 -13.29 -6.23 -12.52
C GLY A 81 -12.58 -6.90 -11.36
N THR A 82 -11.26 -7.07 -11.48
CA THR A 82 -10.47 -7.63 -10.40
C THR A 82 -10.03 -6.51 -9.47
N PRO A 83 -9.73 -6.85 -8.21
CA PRO A 83 -9.15 -5.87 -7.28
C PRO A 83 -7.73 -5.49 -7.69
N GLN A 84 -7.25 -4.32 -7.25
CA GLN A 84 -5.97 -3.77 -7.69
C GLN A 84 -4.97 -3.70 -6.55
N GLY A 85 -3.70 -3.67 -6.91
CA GLY A 85 -2.64 -3.76 -5.94
C GLY A 85 -2.21 -2.47 -5.30
N PHE A 86 -1.11 -2.58 -4.57
CA PHE A 86 -0.43 -1.46 -4.00
C PHE A 86 -0.38 -0.30 -4.96
N GLY A 87 -0.94 0.82 -4.51
CA GLY A 87 -0.95 2.07 -5.24
C GLY A 87 -1.83 2.11 -6.47
N GLN A 88 -2.73 1.14 -6.65
CA GLN A 88 -3.47 1.05 -7.91
C GLN A 88 -5.03 1.13 -7.82
N THR A 89 -5.61 1.35 -6.64
CA THR A 89 -7.07 1.51 -6.51
C THR A 89 -7.45 2.98 -6.69
N GLN A 90 -8.02 3.32 -7.84
CA GLN A 90 -8.57 4.67 -8.05
C GLN A 90 -10.02 4.78 -7.53
N PRO A 91 -10.36 5.91 -6.89
CA PRO A 91 -11.67 6.07 -6.26
C PRO A 91 -12.79 6.53 -7.20
N ALA A 92 -12.44 6.86 -8.43
CA ALA A 92 -13.43 7.31 -9.40
C ALA A 92 -12.95 7.03 -10.81
N ASP A 93 -13.91 6.94 -11.74
CA ASP A 93 -13.61 6.64 -13.13
C ASP A 93 -12.76 7.72 -13.82
N ASN A 94 -12.91 8.95 -13.36
CA ASN A 94 -12.19 10.08 -13.92
C ASN A 94 -11.76 10.99 -12.79
N SER A 95 -10.50 11.39 -12.79
CA SER A 95 -9.94 12.15 -11.69
C SER A 95 -8.97 13.21 -12.21
N LEU A 96 -8.81 14.25 -11.43
CA LEU A 96 -7.82 15.26 -11.75
C LEU A 96 -7.28 15.84 -10.45
N GLY A 97 -5.96 15.82 -10.30
CA GLY A 97 -5.29 16.22 -9.07
C GLY A 97 -4.32 17.36 -9.28
N LEU A 98 -4.38 18.37 -8.41
CA LEU A 98 -3.40 19.44 -8.37
C LEU A 98 -2.77 19.46 -6.99
N ALA A 99 -1.43 19.39 -6.93
CA ALA A 99 -0.72 19.37 -5.65
C ALA A 99 0.41 20.41 -5.60
N PHE A 100 0.47 21.14 -4.48
CA PHE A 100 1.61 21.99 -4.16
C PHE A 100 2.47 21.29 -3.12
N ASN A 101 3.77 21.17 -3.40
CA ASN A 101 4.72 20.48 -2.53
C ASN A 101 5.81 21.37 -2.00
N ASN A 102 6.15 21.20 -0.74
CA ASN A 102 7.32 21.84 -0.17
C ASN A 102 7.82 21.12 1.06
N SER A 103 9.12 20.83 1.08
CA SER A 103 9.69 20.07 2.18
C SER A 103 11.12 20.48 2.41
N GLY A 104 11.58 20.30 3.64
CA GLY A 104 12.98 20.49 3.99
C GLY A 104 13.45 19.58 5.11
N GLU A 105 14.64 19.88 5.62
CA GLU A 105 15.25 19.16 6.74
C GLU A 105 14.21 18.69 7.78
N TRP A 106 13.33 19.57 8.22
CA TRP A 106 12.40 19.24 9.30
C TRP A 106 10.93 19.39 8.95
N TRP A 107 10.60 19.47 7.67
CA TRP A 107 9.21 19.66 7.26
C TRP A 107 8.85 19.07 5.93
N ASP A 108 7.57 18.72 5.77
CA ASP A 108 7.04 18.18 4.53
C ASP A 108 5.60 18.66 4.38
N VAL A 109 5.33 19.42 3.32
CA VAL A 109 3.97 19.89 3.07
C VAL A 109 3.52 19.49 1.68
N HIS A 110 2.39 18.80 1.62
CA HIS A 110 1.79 18.31 0.38
C HIS A 110 0.35 18.73 0.35
N LEU A 111 0.05 19.84 -0.33
CA LEU A 111 -1.33 20.31 -0.44
C LEU A 111 -1.92 19.76 -1.71
N GLN A 112 -2.89 18.87 -1.57
CA GLN A 112 -3.46 18.15 -2.71
C GLN A 112 -4.97 18.44 -2.84
N GLY A 113 -5.39 18.81 -4.04
CA GLY A 113 -6.80 18.94 -4.36
C GLY A 113 -7.15 17.96 -5.46
N ASN A 114 -8.33 17.33 -5.35
CA ASN A 114 -8.84 16.43 -6.38
C ASN A 114 -10.30 16.76 -6.76
N VAL A 115 -10.60 16.66 -8.04
CA VAL A 115 -11.96 16.71 -8.54
C VAL A 115 -12.22 15.43 -9.31
N GLU A 116 -13.46 14.93 -9.22
CA GLU A 116 -13.80 13.59 -9.70
C GLU A 116 -15.05 13.48 -10.56
N GLY A 117 -15.08 12.43 -11.38
CA GLY A 117 -16.17 12.16 -12.28
C GLY A 117 -16.45 10.68 -12.31
N GLY A 118 -17.72 10.31 -12.11
CA GLY A 118 -18.13 8.91 -12.13
C GLY A 118 -17.59 8.21 -10.91
N GLU A 119 -18.08 8.60 -9.74
CA GLU A 119 -17.64 8.04 -8.46
C GLU A 119 -17.74 6.52 -8.41
N ARG A 120 -16.66 5.89 -7.96
CA ARG A 120 -16.67 4.47 -7.61
C ARG A 120 -16.89 4.37 -6.11
N ILE A 121 -16.05 5.07 -5.35
CA ILE A 121 -16.19 5.16 -3.91
C ILE A 121 -17.03 6.41 -3.59
N SER A 122 -18.01 6.28 -2.70
CA SER A 122 -18.87 7.42 -2.34
C SER A 122 -18.10 8.52 -1.66
N ASN A 123 -18.67 9.72 -1.68
CA ASN A 123 -18.09 10.84 -0.99
C ASN A 123 -19.13 11.90 -0.71
N GLY A 124 -18.74 12.93 0.04
CA GLY A 124 -19.60 14.07 0.29
C GLY A 124 -19.73 14.94 -0.96
N SER A 125 -18.69 14.93 -1.78
CA SER A 125 -18.52 15.93 -2.81
C SER A 125 -17.55 15.39 -3.83
N ARG A 126 -17.67 15.84 -5.06
CA ARG A 126 -16.73 15.42 -6.10
C ARG A 126 -15.36 16.08 -5.93
N PHE A 127 -15.25 17.00 -4.98
CA PHE A 127 -13.99 17.66 -4.63
C PHE A 127 -13.48 17.06 -3.34
N ASN A 128 -12.17 16.83 -3.26
CA ASN A 128 -11.56 16.37 -2.00
C ASN A 128 -10.06 16.66 -1.88
N ALA A 129 -9.55 16.48 -0.66
CA ALA A 129 -8.15 16.75 -0.37
C ALA A 129 -7.42 15.48 0.07
N ASN A 130 -7.68 14.36 -0.62
CA ASN A 130 -7.03 13.08 -0.31
C ASN A 130 -5.51 13.14 -0.59
N GLY A 131 -4.73 12.57 0.30
CA GLY A 131 -3.29 12.65 0.18
C GLY A 131 -2.73 13.91 0.81
N ALA A 132 -3.56 14.92 1.06
CA ALA A 132 -3.06 16.20 1.57
C ALA A 132 -2.58 16.04 2.99
N TYR A 133 -1.32 16.38 3.24
CA TYR A 133 -0.79 16.42 4.60
C TYR A 133 0.24 17.52 4.77
N GLY A 134 0.51 17.85 6.03
CA GLY A 134 1.72 18.54 6.42
C GLY A 134 2.40 17.73 7.51
N ALA A 135 3.73 17.70 7.51
CA ALA A 135 4.48 17.00 8.55
C ALA A 135 5.66 17.79 9.02
N VAL A 136 6.04 17.58 10.28
CA VAL A 136 7.26 18.14 10.84
C VAL A 136 8.13 17.06 11.47
N LYS A 137 9.44 17.31 11.52
CA LYS A 137 10.39 16.37 12.13
C LYS A 137 10.99 16.91 13.41
N PHE A 138 10.99 16.09 14.47
CA PHE A 138 11.73 16.39 15.69
C PHE A 138 12.27 15.11 16.30
N TRP A 139 13.49 15.16 16.83
CA TRP A 139 14.16 13.99 17.42
C TRP A 139 14.03 12.75 16.57
N ASN A 140 14.26 12.89 15.27
CA ASN A 140 14.16 11.76 14.33
C ASN A 140 12.74 11.16 14.15
N GLN A 141 11.72 11.84 14.67
CA GLN A 141 10.33 11.40 14.49
C GLN A 141 9.60 12.35 13.55
N TRP A 142 8.83 11.76 12.64
CA TRP A 142 7.94 12.52 11.78
C TRP A 142 6.53 12.53 12.33
N LEU A 143 6.00 13.72 12.57
CA LEU A 143 4.62 13.89 13.00
C LEU A 143 3.84 14.49 11.85
N SER A 144 2.71 13.88 11.53
CA SER A 144 1.95 14.23 10.35
C SER A 144 0.45 14.46 10.60
N PHE A 145 -0.14 15.43 9.92
CA PHE A 145 -1.59 15.57 9.92
C PHE A 145 -2.09 15.70 8.49
N GLY A 146 -3.21 15.02 8.20
CA GLY A 146 -3.80 15.05 6.88
C GLY A 146 -4.58 13.79 6.53
N GLN A 147 -4.72 13.53 5.24
CA GLN A 147 -5.32 12.30 4.77
C GLN A 147 -4.27 11.51 4.06
N VAL A 148 -3.42 10.83 4.85
CA VAL A 148 -2.29 10.08 4.30
C VAL A 148 -2.62 8.59 4.18
N PRO A 149 -2.50 8.03 2.96
CA PRO A 149 -2.64 6.59 2.83
C PRO A 149 -1.46 5.83 3.43
N GLN A 150 -1.74 4.61 3.89
CA GLN A 150 -0.72 3.72 4.44
C GLN A 150 -0.66 2.42 3.65
N TRP A 151 0.38 1.63 3.95
CA TRP A 151 0.42 0.24 3.56
C TRP A 151 1.14 -0.54 4.60
N TRP A 152 0.47 -1.54 5.16
CA TRP A 152 1.05 -2.37 6.22
C TRP A 152 1.29 -3.80 5.78
N GLY A 153 2.55 -4.09 5.44
CA GLY A 153 2.96 -5.45 5.15
C GLY A 153 3.66 -5.62 3.82
N PRO A 154 4.15 -6.84 3.56
CA PRO A 154 5.00 -7.11 2.42
C PRO A 154 4.26 -7.49 1.14
N GLY A 155 2.95 -7.55 1.20
CA GLY A 155 2.16 -7.97 0.06
C GLY A 155 2.17 -6.92 -1.02
N TYR A 156 1.95 -7.38 -2.26
CA TYR A 156 1.84 -6.50 -3.41
C TYR A 156 0.39 -6.29 -3.84
N GLU A 157 -0.45 -7.29 -3.55
CA GLU A 157 -1.84 -7.25 -3.99
C GLU A 157 -2.78 -6.64 -2.94
N GLY A 158 -2.33 -6.64 -1.69
CA GLY A 158 -3.13 -6.17 -0.57
C GLY A 158 -2.38 -6.22 0.75
N SER A 159 -2.87 -5.45 1.71
CA SER A 159 -2.59 -5.68 3.12
C SER A 159 -3.85 -6.25 3.76
N LEU A 160 -3.70 -7.24 4.61
CA LEU A 160 -4.85 -7.82 5.30
C LEU A 160 -5.37 -6.95 6.44
N ILE A 161 -4.61 -5.90 6.80
CA ILE A 161 -4.94 -5.10 7.98
C ILE A 161 -5.09 -3.61 7.72
N ARG A 162 -4.19 -3.02 6.96
CA ARG A 162 -4.31 -1.63 6.55
C ARG A 162 -3.70 -1.44 5.17
N GLY A 163 -4.58 -1.35 4.19
CA GLY A 163 -4.20 -1.13 2.82
C GLY A 163 -4.66 0.20 2.28
N ASP A 164 -5.00 0.16 1.00
CA ASP A 164 -4.92 1.26 0.07
C ASP A 164 -6.18 1.43 -0.74
N ALA A 165 -7.19 0.58 -0.48
CA ALA A 165 -8.27 0.30 -1.41
C ALA A 165 -9.55 0.98 -0.94
N ARG A 167 -10.65 5.39 0.60
CA ARG A 167 -10.21 6.76 0.64
C ARG A 167 -9.42 6.96 1.93
N PRO A 168 -8.25 7.62 1.84
CA PRO A 168 -7.43 7.81 3.02
C PRO A 168 -8.16 8.64 4.06
N THR A 170 -8.63 11.03 7.59
CA THR A 170 -8.04 12.20 8.22
C THR A 170 -7.56 11.86 9.61
N GLY A 171 -6.29 12.17 9.88
CA GLY A 171 -5.69 11.83 11.16
C GLY A 171 -4.24 12.20 11.34
N PHE A 172 -3.70 11.74 12.47
CA PHE A 172 -2.32 11.95 12.86
C PHE A 172 -1.51 10.68 12.61
N LEU A 173 -0.24 10.85 12.28
CA LEU A 173 0.63 9.72 11.97
C LEU A 173 2.07 10.02 12.42
N GLN A 175 6.24 8.36 12.90
CA GLN A 175 7.24 7.42 12.38
C GLN A 175 8.67 7.81 12.73
N ARG A 176 9.59 6.86 12.67
CA ARG A 176 11.01 7.21 12.67
C ARG A 176 11.35 7.84 11.32
N ALA A 177 12.32 8.75 11.32
CA ALA A 177 12.85 9.28 10.06
C ALA A 177 13.90 8.31 9.56
N GLU A 178 15.08 8.32 10.20
CA GLU A 178 16.08 7.28 9.95
C GLU A 178 15.80 6.10 10.86
N GLN A 179 16.03 4.90 10.35
CA GLN A 179 15.61 3.68 11.01
C GLN A 179 16.79 2.75 11.31
N ALA A 180 17.90 3.33 11.79
CA ALA A 180 19.10 2.56 12.12
C ALA A 180 18.86 1.63 13.30
N ALA A 181 19.78 0.69 13.53
CA ALA A 181 19.67 -0.25 14.65
C ALA A 181 19.95 0.45 15.99
N PRO A 182 19.45 -0.11 17.10
CA PRO A 182 19.66 0.56 18.37
C PRO A 182 21.14 0.59 18.78
N GLU A 183 21.56 1.70 19.41
CA GLU A 183 22.94 1.88 19.90
C GLU A 183 23.24 1.01 21.13
N THR A 184 22.24 0.88 22.01
CA THR A 184 22.35 0.10 23.25
C THR A 184 22.91 -1.28 22.98
N TRP A 185 24.01 -1.63 23.63
CA TRP A 185 24.77 -2.83 23.28
C TRP A 185 23.92 -4.08 23.32
N TRP A 186 23.05 -4.19 24.33
CA TRP A 186 22.23 -5.40 24.49
C TRP A 186 20.94 -5.40 23.68
N LEU A 187 20.76 -4.38 22.83
CA LEU A 187 19.66 -4.35 21.88
C LEU A 187 20.11 -4.28 20.40
N ARG A 188 21.41 -4.22 20.16
CA ARG A 188 21.93 -4.13 18.78
C ARG A 188 21.50 -5.29 17.89
N TRP A 189 21.16 -6.42 18.48
CA TRP A 189 20.69 -7.58 17.71
C TRP A 189 19.40 -7.31 16.97
N VAL A 190 18.56 -6.43 17.51
CA VAL A 190 17.26 -6.12 16.89
C VAL A 190 17.38 -5.71 15.42
N GLY A 191 18.40 -4.93 15.10
CA GLY A 191 18.63 -4.49 13.72
C GLY A 191 17.81 -3.27 13.38
N PRO A 192 17.73 -2.92 12.07
CA PRO A 192 16.91 -1.78 11.68
C PRO A 192 15.47 -2.06 12.06
N TRP A 193 14.84 -1.08 12.68
CA TRP A 193 13.51 -1.25 13.20
C TRP A 193 12.73 -0.01 12.95
N GLN A 194 11.40 -0.13 12.95
CA GLN A 194 10.52 1.00 12.67
C GLN A 194 9.16 0.83 13.33
N TYR A 195 8.60 1.96 13.78
CA TYR A 195 7.27 2.01 14.31
C TYR A 195 6.43 2.93 13.44
N GLN A 196 5.14 2.64 13.38
CA GLN A 196 4.16 3.60 12.87
C GLN A 196 2.97 3.59 13.81
N ILE A 197 2.56 4.77 14.26
CA ILE A 197 1.35 4.90 15.05
C ILE A 197 0.43 5.84 14.29
N SER A 198 -0.86 5.55 14.30
CA SER A 198 -1.85 6.47 13.70
C SER A 198 -3.18 6.50 14.44
N ALA A 199 -3.75 7.69 14.53
CA ALA A 199 -5.13 7.90 15.02
C ALA A 199 -5.90 8.67 13.95
N SER A 200 -7.00 8.08 13.48
CA SER A 200 -7.77 8.57 12.33
C SER A 200 -9.28 8.56 12.60
N GLN A 201 -10.02 9.31 11.80
CA GLN A 201 -11.47 9.39 11.89
C GLN A 201 -12.12 8.88 10.61
N ASN A 203 -14.89 8.27 7.75
CA ASN A 203 -15.72 9.25 7.05
C ASN A 203 -17.02 8.62 6.56
N GLN A 204 -18.11 9.36 6.72
CA GLN A 204 -19.47 8.90 6.36
C GLN A 204 -19.74 7.49 6.88
N TYR A 205 -19.23 7.18 8.07
CA TYR A 205 -19.32 5.83 8.57
C TYR A 205 -20.67 5.70 9.31
N ASN A 206 -21.74 5.54 8.54
CA ASN A 206 -23.14 5.57 9.03
C ASN A 206 -23.41 4.92 10.38
N ALA A 207 -23.27 3.59 10.47
CA ALA A 207 -23.65 2.84 11.68
C ALA A 207 -23.13 3.42 13.01
N VAL A 208 -21.98 4.08 12.97
CA VAL A 208 -21.39 4.73 14.16
C VAL A 208 -20.53 5.91 13.71
N PRO A 209 -21.19 7.05 13.46
CA PRO A 209 -20.51 8.20 12.88
C PRO A 209 -19.22 8.60 13.61
N HIS A 210 -18.29 9.19 12.88
CA HIS A 210 -16.99 9.63 13.44
C HIS A 210 -16.28 8.56 14.21
N ALA A 211 -16.19 7.36 13.67
CA ALA A 211 -15.49 6.28 14.34
C ALA A 211 -13.99 6.43 14.10
N LYS A 212 -13.21 6.06 15.10
CA LYS A 212 -11.78 6.22 15.03
C LYS A 212 -11.14 4.90 14.66
N ILE A 213 -10.10 4.97 13.85
CA ILE A 213 -9.20 3.86 13.68
C ILE A 213 -7.89 4.28 14.33
N ILE A 214 -7.54 3.59 15.41
CA ILE A 214 -6.28 3.82 16.12
C ILE A 214 -5.45 2.57 15.98
N GLY A 215 -4.16 2.74 15.69
CA GLY A 215 -3.34 1.60 15.32
C GLY A 215 -1.84 1.76 15.49
N GLY A 216 -1.16 0.63 15.48
CA GLY A 216 0.26 0.57 15.75
C GLY A 216 0.89 -0.55 14.95
N ARG A 217 2.10 -0.30 14.48
CA ARG A 217 2.84 -1.30 13.73
C ARG A 217 4.33 -1.20 14.06
N PHE A 218 4.96 -2.37 14.16
CA PHE A 218 6.36 -2.48 14.49
C PHE A 218 7.01 -3.49 13.58
N THR A 219 8.22 -3.18 13.12
CA THR A 219 9.02 -4.12 12.32
C THR A 219 10.49 -4.07 12.72
N PHE A 220 11.16 -5.19 12.53
CA PHE A 220 12.60 -5.25 12.73
C PHE A 220 13.25 -6.36 11.94
N SER A 221 14.51 -6.14 11.59
CA SER A 221 15.30 -7.06 10.80
C SER A 221 16.57 -7.51 11.57
N PRO A 222 16.48 -8.61 12.34
CA PRO A 222 17.65 -9.05 13.11
C PRO A 222 18.83 -9.48 12.23
N ILE A 223 18.54 -10.02 11.05
CA ILE A 223 19.56 -10.37 10.06
C ILE A 223 19.09 -9.89 8.68
N GLN A 224 20.05 -9.50 7.83
CA GLN A 224 19.73 -8.96 6.49
C GLN A 224 18.72 -9.79 5.69
N SER A 225 18.54 -11.06 6.05
CA SER A 225 17.69 -11.98 5.30
C SER A 225 16.24 -12.04 5.77
N LEU A 226 15.97 -11.63 7.01
CA LEU A 226 14.65 -11.78 7.60
C LEU A 226 14.14 -10.47 8.17
N GLU A 227 12.94 -10.06 7.72
CA GLU A 227 12.20 -8.97 8.35
C GLU A 227 10.98 -9.54 9.06
N LEU A 228 10.70 -9.04 10.26
CA LEU A 228 9.52 -9.48 11.01
C LEU A 228 8.65 -8.29 11.36
N GLY A 229 7.35 -8.44 11.13
CA GLY A 229 6.39 -7.37 11.43
C GLY A 229 5.31 -7.80 12.40
N ALA A 230 4.86 -6.84 13.19
CA ALA A 230 3.70 -6.98 14.04
C ALA A 230 2.84 -5.72 13.87
N SER A 231 1.52 -5.89 13.87
CA SER A 231 0.64 -4.73 13.77
C SER A 231 -0.72 -4.98 14.40
N ARG A 232 -1.28 -3.90 14.94
CA ARG A 232 -2.54 -3.94 15.63
C ARG A 232 -3.38 -2.71 15.27
N ILE A 233 -4.69 -2.93 15.11
CA ILE A 233 -5.65 -1.87 14.80
C ILE A 233 -6.86 -2.03 15.71
N GLN A 235 -10.84 -0.44 16.15
CA GLN A 235 -11.94 0.42 15.72
C GLN A 235 -12.66 0.86 16.99
N TRP A 236 -12.68 2.15 17.25
CA TRP A 236 -12.99 2.67 18.59
C TRP A 236 -13.64 4.02 18.51
N GLY A 237 -14.40 4.40 19.52
CA GLY A 237 -15.08 5.70 19.52
C GLY A 237 -16.28 5.80 18.58
N GLY A 238 -16.83 7.01 18.47
CA GLY A 238 -18.02 7.30 17.65
C GLY A 238 -19.20 7.79 18.47
N LYS A 239 -20.29 8.13 17.81
CA LYS A 239 -21.50 8.55 18.54
C LYS A 239 -22.12 7.37 19.32
N GLY A 240 -22.38 7.60 20.60
CA GLY A 240 -22.93 6.58 21.49
C GLY A 240 -21.90 5.56 21.90
N ARG A 241 -20.62 5.94 21.82
CA ARG A 241 -19.54 5.04 22.15
C ARG A 241 -18.70 5.59 23.29
N PRO A 242 -18.11 4.71 24.09
CA PRO A 242 -17.17 5.21 25.08
C PRO A 242 -15.96 5.84 24.39
N GLU A 243 -15.60 7.04 24.83
CA GLU A 243 -14.47 7.77 24.24
C GLU A 243 -13.55 8.36 25.32
N SER A 244 -13.45 7.70 26.47
CA SER A 244 -12.59 8.18 27.57
C SER A 244 -11.17 7.63 27.44
N LEU A 245 -10.21 8.37 27.99
CA LEU A 245 -8.81 7.90 28.01
C LEU A 245 -8.71 6.54 28.70
N SER A 246 -9.58 6.32 29.69
CA SER A 246 -9.63 5.05 30.41
C SER A 246 -10.07 3.92 29.48
N ASN A 247 -11.30 4.02 28.98
CA ASN A 247 -11.83 3.01 28.05
C ASN A 247 -10.86 2.74 26.90
N PHE A 248 -10.16 3.78 26.47
CA PHE A 248 -9.06 3.65 25.54
C PHE A 248 -7.92 2.88 26.19
N TRP A 249 -7.99 1.55 26.16
CA TRP A 249 -6.87 0.72 26.59
C TRP A 249 -6.79 -0.56 25.80
N ASP A 250 -5.76 -1.34 26.11
CA ASP A 250 -5.45 -2.57 25.38
C ASP A 250 -5.08 -3.68 26.38
N GLY A 251 -6.09 -4.24 27.02
CA GLY A 251 -5.90 -5.30 28.02
C GLY A 251 -7.21 -5.84 28.55
N GLY A 267 -14.09 -1.54 21.80
CA GLY A 267 -13.89 -1.43 20.36
C GLY A 267 -13.88 -2.74 19.58
N ASN A 268 -13.44 -2.67 18.31
CA ASN A 268 -13.17 -3.84 17.47
C ASN A 268 -11.69 -3.89 17.07
N GLN A 269 -11.04 -5.04 17.28
CA GLN A 269 -9.61 -5.18 17.08
C GLN A 269 -9.27 -6.03 15.85
N LEU A 270 -8.13 -5.70 15.24
CA LEU A 270 -7.45 -6.58 14.29
C LEU A 270 -5.95 -6.57 14.64
N ALA A 271 -5.31 -7.73 14.51
CA ALA A 271 -3.91 -7.85 14.93
C ALA A 271 -3.25 -9.09 14.31
N GLY A 272 -1.99 -8.94 13.93
CA GLY A 272 -1.25 -10.04 13.35
C GLY A 272 0.20 -9.75 13.03
N PHE A 273 0.84 -10.70 12.36
CA PHE A 273 2.26 -10.64 12.06
C PHE A 273 2.49 -10.80 10.57
N ASP A 274 3.65 -10.31 10.12
CA ASP A 274 4.10 -10.51 8.75
C ASP A 274 5.60 -10.80 8.74
N PHE A 275 6.08 -11.38 7.66
CA PHE A 275 7.51 -11.60 7.47
C PHE A 275 7.89 -11.50 5.99
N LYS A 276 9.16 -11.21 5.74
CA LYS A 276 9.74 -11.33 4.41
C LYS A 276 11.15 -11.94 4.56
N PHE A 277 11.44 -12.97 3.77
CA PHE A 277 12.72 -13.69 3.84
C PHE A 277 13.49 -13.60 2.52
N LYS A 278 14.59 -12.87 2.51
CA LYS A 278 15.42 -12.70 1.30
C LYS A 278 16.36 -13.89 1.15
N LEU A 279 16.51 -14.38 -0.08
CA LEU A 279 17.40 -15.51 -0.35
C LEU A 279 18.78 -15.08 -0.86
N GLU A 280 18.91 -13.86 -1.35
CA GLU A 280 20.17 -13.40 -1.92
C GLU A 280 21.35 -13.53 -0.97
N PRO A 281 21.18 -13.12 0.31
CA PRO A 281 22.34 -13.13 1.20
C PRO A 281 22.94 -14.52 1.47
N THR A 282 22.26 -15.60 1.06
CA THR A 282 22.74 -16.96 1.25
C THR A 282 22.98 -17.66 -0.07
N LEU A 283 21.93 -17.79 -0.88
CA LEU A 283 22.00 -18.56 -2.12
C LEU A 283 22.36 -17.69 -3.33
N GLY A 284 22.38 -16.37 -3.14
CA GLY A 284 22.65 -15.46 -4.25
C GLY A 284 21.53 -15.39 -5.27
N TRP A 285 20.34 -15.88 -4.90
CA TRP A 285 19.15 -15.73 -5.74
C TRP A 285 18.45 -14.46 -5.36
N PRO A 286 18.08 -13.64 -6.35
CA PRO A 286 17.37 -12.40 -6.08
C PRO A 286 15.87 -12.70 -6.00
N VAL A 287 15.54 -13.51 -4.99
CA VAL A 287 14.22 -14.05 -4.80
C VAL A 287 13.90 -13.91 -3.34
N SER A 288 12.65 -13.64 -3.01
CA SER A 288 12.22 -13.60 -1.62
C SER A 288 10.87 -14.26 -1.50
N PHE A 289 10.52 -14.66 -0.29
CA PHE A 289 9.17 -15.05 -0.01
C PHE A 289 8.68 -14.36 1.25
N TYR A 290 7.37 -14.10 1.29
CA TYR A 290 6.76 -13.34 2.35
C TYR A 290 5.39 -13.88 2.75
N GLY A 291 4.94 -13.50 3.94
CA GLY A 291 3.65 -13.94 4.48
C GLY A 291 3.08 -12.97 5.50
N GLN A 292 1.76 -13.00 5.66
CA GLN A 292 1.08 -12.14 6.62
C GLN A 292 -0.12 -12.87 7.20
N ILE A 294 -3.19 -11.94 9.75
CA ILE A 294 -3.96 -11.05 10.61
C ILE A 294 -5.20 -11.77 11.10
N GLY A 295 -5.50 -11.61 12.39
CA GLY A 295 -6.65 -12.26 13.02
C GLY A 295 -7.67 -11.26 13.54
N GLU A 296 -8.91 -11.70 13.67
CA GLU A 296 -9.99 -10.84 14.14
C GLU A 296 -10.13 -10.81 15.66
N ASP A 297 -9.75 -11.90 16.32
CA ASP A 297 -9.71 -12.00 17.79
C ASP A 297 -8.26 -12.19 18.25
N GLU A 298 -7.96 -11.84 19.50
CA GLU A 298 -6.59 -11.95 20.01
C GLU A 298 -6.47 -12.84 21.27
N SER A 299 -5.78 -13.96 21.11
CA SER A 299 -5.42 -14.86 22.21
C SER A 299 -4.15 -14.36 22.91
N GLY A 300 -4.28 -13.26 23.64
CA GLY A 300 -3.16 -12.67 24.38
C GLY A 300 -2.01 -12.25 23.49
N PHE A 301 -1.14 -13.22 23.18
CA PHE A 301 0.05 -12.97 22.36
C PHE A 301 -0.15 -13.36 20.88
N LEU A 302 -1.02 -14.34 20.62
CA LEU A 302 -1.32 -14.78 19.26
C LEU A 302 -2.72 -14.32 18.82
N PRO A 303 -2.94 -14.19 17.51
CA PRO A 303 -4.26 -13.88 16.97
C PRO A 303 -5.07 -15.12 16.64
N SER A 304 -6.40 -14.97 16.59
CA SER A 304 -7.31 -16.04 16.19
C SER A 304 -8.25 -15.54 15.09
N ALA A 305 -9.12 -16.41 14.59
CA ALA A 305 -10.04 -16.07 13.49
C ALA A 305 -9.25 -15.42 12.35
N ASN A 306 -8.26 -16.18 11.87
CA ASN A 306 -7.16 -15.63 11.07
C ASN A 306 -7.35 -15.62 9.57
N PHE A 308 -5.24 -15.09 5.97
CA PHE A 308 -3.89 -15.47 5.55
C PHE A 308 -3.48 -14.83 4.23
N LEU A 309 -2.18 -14.66 4.09
CA LEU A 309 -1.57 -14.12 2.88
C LEU A 309 -0.14 -14.61 2.78
N GLY A 310 0.24 -15.03 1.57
CA GLY A 310 1.58 -15.50 1.30
C GLY A 310 1.96 -15.21 -0.13
N GLY A 311 3.26 -15.10 -0.39
CA GLY A 311 3.76 -14.88 -1.74
C GLY A 311 5.25 -15.10 -1.93
N ILE A 312 5.66 -15.08 -3.19
CA ILE A 312 7.05 -15.28 -3.56
C ILE A 312 7.35 -14.26 -4.65
N GLU A 313 8.52 -13.62 -4.56
CA GLU A 313 8.89 -12.57 -5.53
C GLU A 313 10.32 -12.76 -6.02
N GLY A 314 10.56 -12.34 -7.27
CA GLY A 314 11.88 -12.36 -7.86
C GLY A 314 12.17 -11.07 -8.61
N HIS A 315 13.46 -10.78 -8.78
CA HIS A 315 13.92 -9.52 -9.36
C HIS A 315 15.19 -9.77 -10.12
N HIS A 316 15.18 -9.50 -11.42
CA HIS A 316 16.24 -9.94 -12.30
C HIS A 316 16.67 -8.83 -13.22
N GLY A 317 17.93 -8.86 -13.63
CA GLY A 317 18.43 -7.96 -14.67
C GLY A 317 18.51 -8.73 -15.98
N TRP A 318 18.29 -8.04 -17.11
CA TRP A 318 18.40 -8.68 -18.41
C TRP A 318 19.65 -8.17 -19.08
N GLY A 319 19.54 -7.30 -20.07
CA GLY A 319 20.71 -6.55 -20.52
C GLY A 319 20.95 -5.51 -19.45
N LYS A 320 20.55 -4.28 -19.75
CA LYS A 320 20.47 -3.23 -18.75
C LYS A 320 19.05 -3.09 -18.19
N ASP A 321 18.11 -3.86 -18.74
CA ASP A 321 16.70 -3.82 -18.30
C ASP A 321 16.56 -4.56 -16.98
N ALA A 322 15.37 -4.43 -16.38
CA ALA A 322 15.06 -5.07 -15.10
C ALA A 322 13.72 -5.79 -15.17
N VAL A 323 13.63 -6.95 -14.51
CA VAL A 323 12.41 -7.75 -14.51
C VAL A 323 11.95 -8.01 -13.10
N ASN A 324 10.68 -7.66 -12.82
CA ASN A 324 10.04 -7.85 -11.52
C ASN A 324 8.90 -8.84 -11.65
N TRP A 325 8.80 -9.78 -10.72
CA TRP A 325 7.65 -10.67 -10.71
C TRP A 325 7.28 -11.11 -9.33
N TYR A 326 5.99 -11.38 -9.13
CA TYR A 326 5.54 -11.95 -7.87
C TYR A 326 4.40 -12.94 -8.11
N LEU A 327 4.26 -13.88 -7.18
CA LEU A 327 3.12 -14.79 -7.17
C LEU A 327 2.60 -14.76 -5.75
N GLU A 328 1.31 -14.46 -5.58
CA GLU A 328 0.78 -14.12 -4.27
C GLU A 328 -0.62 -14.73 -4.06
N ALA A 329 -0.84 -15.34 -2.88
CA ALA A 329 -2.12 -15.97 -2.53
C ALA A 329 -2.72 -15.33 -1.28
N HIS A 330 -4.03 -15.01 -1.31
CA HIS A 330 -4.73 -14.45 -0.16
C HIS A 330 -5.89 -15.33 0.24
N ASP A 331 -6.21 -15.33 1.53
CA ASP A 331 -7.45 -15.94 2.01
C ASP A 331 -8.04 -15.10 3.14
N THR A 332 -9.13 -14.39 2.86
CA THR A 332 -9.76 -13.52 3.85
C THR A 332 -11.04 -14.13 4.45
N ARG A 333 -11.17 -15.45 4.36
CA ARG A 333 -12.12 -16.17 5.20
C ARG A 333 -11.54 -16.28 6.61
N THR A 334 -12.33 -16.82 7.53
CA THR A 334 -11.84 -17.14 8.87
C THR A 334 -11.34 -18.58 8.91
N ASN A 335 -10.04 -18.72 9.13
CA ASN A 335 -9.36 -20.01 9.08
C ASN A 335 -9.67 -20.78 7.81
N SER A 337 -12.14 -21.27 5.94
CA SER A 337 -13.34 -22.10 5.92
C SER A 337 -14.58 -21.29 6.29
N ARG A 338 -14.58 -20.75 7.50
CA ARG A 338 -15.74 -20.04 8.05
C ARG A 338 -15.91 -18.70 7.35
N THR A 339 -17.15 -18.34 7.04
CA THR A 339 -17.44 -17.05 6.39
C THR A 339 -18.33 -16.19 7.27
N ASN A 340 -18.59 -14.98 6.79
CA ASN A 340 -19.47 -14.02 7.44
C ASN A 340 -18.96 -13.49 8.78
N TYR A 341 -17.64 -13.52 8.97
CA TYR A 341 -17.00 -12.97 10.18
C TYR A 341 -15.80 -12.04 9.87
N SER A 342 -15.10 -12.26 8.77
CA SER A 342 -13.96 -11.41 8.43
C SER A 342 -14.45 -10.01 8.03
N TYR A 343 -13.81 -9.00 8.62
CA TYR A 343 -14.15 -7.61 8.36
C TYR A 343 -15.60 -7.25 8.74
N THR A 344 -16.17 -8.05 9.61
CA THR A 344 -17.52 -7.88 10.17
C THR A 344 -17.35 -7.38 11.58
N HIS A 345 -18.35 -6.66 12.09
CA HIS A 345 -18.46 -6.42 13.52
C HIS A 345 -19.89 -6.19 13.97
N HIS A 346 -20.17 -6.43 15.25
CA HIS A 346 -21.53 -6.38 15.79
C HIS A 346 -21.88 -5.04 16.39
N ILE A 347 -20.86 -4.26 16.80
CA ILE A 347 -21.06 -2.85 17.17
C ILE A 347 -20.85 -2.00 15.93
N TYR A 348 -19.64 -2.04 15.40
CA TYR A 348 -19.32 -1.34 14.16
C TYR A 348 -19.88 -2.16 13.00
N LYS A 349 -21.15 -1.91 12.68
CA LYS A 349 -21.95 -2.82 11.85
C LYS A 349 -21.68 -2.67 10.37
N ASP A 350 -21.15 -1.52 9.96
CA ASP A 350 -20.71 -1.32 8.57
C ASP A 350 -19.42 -2.12 8.29
N GLY A 351 -18.87 -2.76 9.32
CA GLY A 351 -17.73 -3.64 9.15
C GLY A 351 -16.45 -2.85 9.06
N TYR A 352 -15.36 -3.52 8.68
CA TYR A 352 -14.03 -2.90 8.55
C TYR A 352 -13.91 -2.30 7.13
N TYR A 353 -14.77 -1.33 6.87
CA TYR A 353 -14.89 -0.67 5.56
C TYR A 353 -15.23 0.81 5.74
N GLN A 354 -14.61 1.67 4.94
CA GLN A 354 -15.03 3.06 4.84
C GLN A 354 -15.67 3.25 3.49
N GLN A 355 -16.89 3.81 3.50
CA GLN A 355 -17.67 4.06 2.29
C GLN A 355 -17.75 2.82 1.42
N GLY A 356 -17.89 1.67 2.08
CA GLY A 356 -18.07 0.40 1.40
C GLY A 356 -16.77 -0.24 1.00
N TYR A 357 -15.70 0.55 0.99
CA TYR A 357 -14.43 0.06 0.51
C TYR A 357 -13.57 -0.36 1.70
N PRO A 358 -12.98 -1.57 1.58
CA PRO A 358 -12.25 -2.17 2.68
C PRO A 358 -11.00 -1.38 3.09
N LEU A 359 -10.80 -1.26 4.40
CA LEU A 359 -9.59 -0.75 5.01
C LEU A 359 -8.48 -1.82 5.00
N GLY A 360 -8.86 -3.06 4.75
CA GLY A 360 -7.92 -4.16 4.66
C GLY A 360 -7.69 -4.50 3.21
N ASP A 361 -7.85 -5.77 2.86
CA ASP A 361 -7.52 -6.26 1.52
C ASP A 361 -8.53 -5.78 0.47
N ALA A 362 -8.04 -5.53 -0.74
CA ALA A 362 -8.87 -4.97 -1.82
C ALA A 362 -10.18 -5.74 -2.08
N GLY A 364 -12.14 -7.49 0.14
CA GLY A 364 -13.12 -7.57 1.22
C GLY A 364 -12.94 -8.90 1.91
N GLY A 365 -13.90 -9.26 2.74
CA GLY A 365 -13.83 -10.48 3.52
C GLY A 365 -14.37 -11.69 2.77
N ASP A 366 -14.00 -12.86 3.27
CA ASP A 366 -14.39 -14.18 2.73
C ASP A 366 -13.84 -14.47 1.34
N GLY A 367 -12.79 -13.75 0.93
CA GLY A 367 -12.26 -13.88 -0.42
C GLY A 367 -11.04 -14.79 -0.52
N GLN A 368 -10.91 -15.46 -1.66
CA GLN A 368 -9.72 -16.24 -1.99
C GLN A 368 -9.11 -15.68 -3.27
N LEU A 369 -7.79 -15.53 -3.29
CA LEU A 369 -7.11 -14.88 -4.40
C LEU A 369 -5.70 -15.43 -4.65
N VAL A 370 -5.44 -15.74 -5.91
CA VAL A 370 -4.11 -16.06 -6.40
C VAL A 370 -3.85 -15.09 -7.54
N ALA A 371 -2.68 -14.45 -7.52
CA ALA A 371 -2.33 -13.49 -8.56
C ALA A 371 -0.86 -13.51 -8.87
N GLY A 372 -0.54 -13.44 -10.15
CA GLY A 372 0.84 -13.37 -10.60
C GLY A 372 0.99 -12.10 -11.39
N LYS A 373 2.16 -11.48 -11.31
CA LYS A 373 2.49 -10.32 -12.14
C LYS A 373 3.96 -10.33 -12.55
N VAL A 374 4.21 -10.08 -13.83
CA VAL A 374 5.56 -9.87 -14.34
C VAL A 374 5.63 -8.46 -14.89
N GLU A 375 6.79 -7.81 -14.76
CA GLU A 375 7.05 -6.58 -15.52
C GLU A 375 8.53 -6.32 -15.91
N LEU A 376 8.67 -5.85 -17.14
CA LEU A 376 9.94 -5.47 -17.70
C LEU A 376 10.04 -3.97 -17.59
N ILE A 377 11.21 -3.49 -17.17
CA ILE A 377 11.47 -2.06 -17.10
C ILE A 377 12.74 -1.76 -17.91
N THR A 378 12.55 -0.99 -18.98
CA THR A 378 13.65 -0.57 -19.83
C THR A 378 14.61 0.38 -19.13
N GLU A 379 15.84 0.43 -19.66
CA GLU A 379 16.81 1.49 -19.35
C GLU A 379 16.16 2.86 -19.56
N ASP A 380 15.48 2.96 -20.69
CA ASP A 380 14.52 4.02 -21.04
C ASP A 380 13.48 4.38 -19.95
N ASN A 381 13.21 3.45 -19.03
CA ASN A 381 12.14 3.57 -18.04
C ASN A 381 10.73 3.43 -18.65
N GLN A 382 10.61 2.67 -19.73
CA GLN A 382 9.32 2.16 -20.15
C GLN A 382 9.06 0.94 -19.30
N ARG A 383 7.82 0.69 -18.91
CA ARG A 383 7.52 -0.48 -18.08
C ARG A 383 6.33 -1.25 -18.63
N TRP A 384 6.60 -2.48 -19.08
CA TRP A 384 5.56 -3.38 -19.56
C TRP A 384 5.18 -4.32 -18.48
N SER A 385 3.89 -4.57 -18.31
CA SER A 385 3.45 -5.48 -17.28
C SER A 385 2.37 -6.43 -17.76
N THR A 386 2.27 -7.59 -17.11
CA THR A 386 1.20 -8.53 -17.34
C THR A 386 0.77 -9.12 -16.01
N ARG A 387 -0.55 -9.27 -15.85
CA ARG A 387 -1.08 -9.70 -14.57
C ARG A 387 -2.24 -10.65 -14.75
N LEU A 388 -2.13 -11.85 -14.20
CA LEU A 388 -3.24 -12.81 -14.17
C LEU A 388 -3.76 -12.91 -12.74
N VAL A 389 -5.06 -13.16 -12.61
CA VAL A 389 -5.66 -13.27 -11.30
C VAL A 389 -6.92 -14.15 -11.30
N TYR A 390 -7.04 -14.98 -10.27
CA TYR A 390 -8.23 -15.78 -10.00
C TYR A 390 -8.71 -15.36 -8.62
N ALA A 391 -10.02 -15.08 -8.49
CA ALA A 391 -10.57 -14.56 -7.24
C ALA A 391 -12.04 -14.92 -7.00
N LYS A 392 -12.31 -15.68 -5.94
CA LYS A 392 -13.67 -15.87 -5.44
C LYS A 392 -13.91 -14.80 -4.40
N VAL A 393 -14.96 -14.01 -4.58
CA VAL A 393 -15.20 -12.85 -3.73
C VAL A 393 -16.64 -12.81 -3.17
N ASN A 394 -16.76 -12.28 -1.95
CA ASN A 394 -18.05 -12.05 -1.27
C ASN A 394 -19.09 -13.19 -1.41
N PRO A 395 -18.71 -14.42 -1.03
CA PRO A 395 -19.61 -15.57 -1.20
C PRO A 395 -20.96 -15.42 -0.46
N GLU A 396 -21.00 -14.60 0.59
CA GLU A 396 -22.24 -14.34 1.35
C GLU A 396 -23.00 -13.10 0.90
N ASN A 397 -22.64 -12.54 -0.25
CA ASN A 397 -23.30 -11.34 -0.79
C ASN A 397 -23.55 -10.25 0.25
N GLN A 398 -22.52 -9.96 1.04
CA GLN A 398 -22.59 -8.98 2.12
C GLN A 398 -22.70 -7.57 1.55
N SER A 399 -23.74 -6.86 1.97
CA SER A 399 -23.92 -5.45 1.62
C SER A 399 -22.77 -4.53 2.10
N ILE A 400 -22.10 -4.87 3.20
CA ILE A 400 -21.11 -3.95 3.76
C ILE A 400 -19.90 -3.69 2.83
N ASN A 401 -19.74 -4.56 1.82
CA ASN A 401 -18.68 -4.46 0.85
C ASN A 401 -19.20 -4.00 -0.52
N LYS A 402 -19.12 -2.70 -0.77
CA LYS A 402 -19.47 -2.13 -2.07
C LYS A 402 -18.41 -2.33 -3.17
N ALA A 403 -17.18 -2.72 -2.81
CA ALA A 403 -16.16 -3.05 -3.80
C ALA A 403 -16.58 -4.28 -4.59
N PHE A 404 -17.00 -5.31 -3.87
CA PHE A 404 -17.43 -6.54 -4.51
C PHE A 404 -18.75 -6.99 -3.91
N PRO A 405 -19.85 -6.35 -4.35
CA PRO A 405 -21.18 -6.54 -3.75
C PRO A 405 -21.70 -7.97 -3.83
N HIS A 406 -21.31 -8.70 -4.87
CA HIS A 406 -21.91 -10.00 -5.17
C HIS A 406 -20.94 -11.14 -5.09
N ALA A 407 -21.48 -12.31 -4.80
CA ALA A 407 -20.70 -13.55 -4.88
C ALA A 407 -20.34 -13.79 -6.34
N ASP A 408 -19.04 -13.82 -6.62
CA ASP A 408 -18.54 -13.96 -7.98
C ASP A 408 -17.22 -14.72 -8.00
N THR A 409 -16.91 -15.35 -9.12
CA THR A 409 -15.58 -15.90 -9.38
C THR A 409 -14.97 -15.12 -10.53
N LEU A 410 -13.82 -14.51 -10.29
CA LEU A 410 -13.19 -13.64 -11.27
C LEU A 410 -11.96 -14.33 -11.84
N LYS A 411 -11.87 -14.36 -13.17
CA LYS A 411 -10.68 -14.82 -13.88
C LYS A 411 -10.32 -13.73 -14.85
N GLY A 412 -9.23 -13.01 -14.57
CA GLY A 412 -8.86 -11.84 -15.33
C GLY A 412 -7.40 -11.72 -15.70
N ILE A 413 -7.15 -10.97 -16.78
CA ILE A 413 -5.83 -10.64 -17.26
C ILE A 413 -5.74 -9.12 -17.34
N GLN A 414 -4.60 -8.55 -16.96
CA GLN A 414 -4.43 -7.11 -17.02
C GLN A 414 -3.03 -6.78 -17.54
N LEU A 415 -2.99 -6.04 -18.66
CA LEU A 415 -1.74 -5.59 -19.25
C LEU A 415 -1.55 -4.14 -18.89
N GLY A 416 -0.29 -3.71 -18.83
CA GLY A 416 0.02 -2.32 -18.53
C GLY A 416 1.23 -1.81 -19.31
N TRP A 417 1.23 -0.49 -19.55
CA TRP A 417 2.40 0.19 -20.09
C TRP A 417 2.54 1.53 -19.42
N SER A 418 3.78 1.84 -19.05
CA SER A 418 4.15 3.09 -18.39
C SER A 418 5.28 3.68 -19.22
N GLY A 419 5.22 4.98 -19.47
CA GLY A 419 6.29 5.63 -20.24
C GLY A 419 6.24 7.14 -20.29
N ASP A 420 7.41 7.76 -20.37
CA ASP A 420 7.54 9.20 -20.54
C ASP A 420 7.17 9.58 -21.98
N VAL A 421 6.25 10.54 -22.13
CA VAL A 421 5.76 10.92 -23.45
C VAL A 421 6.47 12.16 -23.98
N TYR A 422 6.74 13.11 -23.09
CA TYR A 422 7.31 14.41 -23.47
C TYR A 422 8.09 14.94 -22.28
N GLN A 423 9.37 15.19 -22.46
CA GLN A 423 10.25 15.56 -21.36
C GLN A 423 9.90 14.75 -20.10
N SER A 424 9.27 15.38 -19.11
CA SER A 424 8.98 14.72 -17.84
C SER A 424 7.52 14.27 -17.68
N VAL A 425 6.70 14.49 -18.71
CA VAL A 425 5.30 14.14 -18.66
C VAL A 425 5.13 12.64 -18.87
N ARG A 426 4.68 11.93 -17.83
CA ARG A 426 4.55 10.47 -17.85
C ARG A 426 3.10 10.01 -17.98
N LEU A 427 2.94 8.96 -18.77
CA LEU A 427 1.65 8.40 -19.13
C LEU A 427 1.58 6.96 -18.63
N ASN A 428 0.44 6.57 -18.06
CA ASN A 428 0.24 5.22 -17.51
C ASN A 428 -1.04 4.60 -18.03
N THR A 429 -0.91 3.58 -18.87
CA THR A 429 -2.08 2.92 -19.46
C THR A 429 -2.32 1.53 -18.88
N SER A 430 -3.55 1.07 -19.02
CA SER A 430 -3.94 -0.26 -18.57
C SER A 430 -5.05 -0.78 -19.46
N LEU A 431 -5.08 -2.10 -19.64
CA LEU A 431 -6.06 -2.77 -20.48
C LEU A 431 -6.39 -4.10 -19.83
N TRP A 432 -7.67 -4.43 -19.69
CA TRP A 432 -8.01 -5.67 -18.96
C TRP A 432 -9.24 -6.39 -19.48
N TYR A 433 -9.28 -7.69 -19.22
CA TYR A 433 -10.44 -8.55 -19.48
C TYR A 433 -10.73 -9.40 -18.26
N THR A 434 -12.01 -9.48 -17.89
CA THR A 434 -12.42 -10.21 -16.69
C THR A 434 -13.60 -11.11 -17.01
N ASN A 435 -13.37 -12.41 -16.89
CA ASN A 435 -14.40 -13.43 -16.93
C ASN A 435 -15.10 -13.41 -15.56
N ALA A 436 -16.40 -13.09 -15.55
CA ALA A 436 -17.18 -12.99 -14.31
C ALA A 436 -18.55 -13.64 -14.46
N ASN A 437 -19.22 -13.86 -13.34
CA ASN A 437 -20.58 -14.42 -13.34
C ASN A 437 -21.67 -13.39 -12.99
N ASN A 438 -21.34 -12.39 -12.19
CA ASN A 438 -22.27 -11.30 -11.88
C ASN A 438 -21.56 -10.03 -11.43
N SER A 439 -20.66 -9.53 -12.26
CA SER A 439 -19.96 -8.27 -11.98
C SER A 439 -20.81 -7.05 -12.32
N ASP A 440 -20.46 -5.90 -11.74
CA ASP A 440 -21.12 -4.63 -12.05
C ASP A 440 -20.22 -3.72 -12.91
N SER A 441 -19.31 -4.33 -13.66
CA SER A 441 -18.42 -3.58 -14.53
C SER A 441 -18.14 -4.35 -15.82
N ASP A 442 -17.88 -3.60 -16.89
CA ASP A 442 -17.68 -4.20 -18.20
C ASP A 442 -16.58 -5.24 -18.20
N ASP A 443 -16.81 -6.37 -18.87
CA ASP A 443 -15.78 -7.42 -18.91
C ASP A 443 -14.43 -6.95 -19.51
N VAL A 444 -14.47 -6.01 -20.45
CA VAL A 444 -13.25 -5.38 -20.97
C VAL A 444 -13.25 -3.90 -20.67
N GLY A 445 -12.05 -3.36 -20.44
CA GLY A 445 -11.90 -1.93 -20.20
C GLY A 445 -10.45 -1.50 -20.28
N ALA A 446 -10.26 -0.18 -20.30
CA ALA A 446 -8.94 0.41 -20.37
C ALA A 446 -8.95 1.70 -19.57
N SER A 447 -7.87 1.95 -18.84
CA SER A 447 -7.69 3.23 -18.18
C SER A 447 -6.41 3.88 -18.70
N ALA A 448 -6.16 5.12 -18.27
CA ALA A 448 -4.97 5.87 -18.66
C ALA A 448 -4.77 7.00 -17.68
N GLY A 449 -3.56 7.12 -17.15
CA GLY A 449 -3.21 8.20 -16.22
C GLY A 449 -2.03 9.02 -16.73
N ILE A 450 -1.88 10.21 -16.15
CA ILE A 450 -0.87 11.15 -16.58
C ILE A 450 -0.25 11.87 -15.37
N GLU A 451 1.04 12.18 -15.46
CA GLU A 451 1.77 12.89 -14.41
C GLU A 451 2.56 14.04 -15.02
N ILE A 452 2.35 15.26 -14.53
CA ILE A 452 3.08 16.44 -15.02
C ILE A 452 3.68 17.20 -13.84
N PRO A 453 5.00 17.04 -13.61
CA PRO A 453 5.67 17.83 -12.58
C PRO A 453 6.19 19.17 -13.09
N PHE A 454 6.10 20.21 -12.27
CA PHE A 454 6.50 21.58 -12.62
C PHE A 454 7.37 22.17 -11.52
N SER A 455 8.29 23.06 -11.88
CA SER A 455 9.08 23.84 -10.92
C SER A 455 8.44 25.21 -10.70
N LEU A 456 8.67 25.79 -9.52
CA LEU A 456 8.20 27.15 -9.18
C LEU A 456 9.33 27.96 -8.57
#